data_5Q0Z
#
_entry.id   5Q0Z
#
_cell.length_a   71.520
_cell.length_b   83.550
_cell.length_c   188.910
_cell.angle_alpha   90.000
_cell.angle_beta   90.000
_cell.angle_gamma   90.000
#
_symmetry.space_group_name_H-M   'C 2 2 21'
#
loop_
_entity.id
_entity.type
_entity.pdbx_description
1 polymer 'Bile acid receptor'
2 polymer 'COACTIVATOR PEPTIDE SRC-1 HD3'
3 non-polymer 'ethyl (5S)-3-(3,4-difluorobenzene-1-carbonyl)-1,1-dimethyl-1,2,3,4,5,6-hexahydroazepino[4,5-b]indole-5-carboxylate'
4 water water
#
loop_
_entity_poly.entity_id
_entity_poly.type
_entity_poly.pdbx_seq_one_letter_code
_entity_poly.pdbx_strand_id
1 'polypeptide(L)'
;GSHMELTPDQQTLLHFIMDSYNKQRMPQEITNKILKEAFSAEENFLILTEMATNHVQVLVEFTKKLPGFQTLDHEDQIAL
LKGSAVEAMFLRSAEIFNKKLPSGHSDLLEARIRNSGISDEYITPMFSFYKSIGELKMTQEEYALLTAIVILSPDRQYIK
DREAVEKLQEPLLDVLQKLCKIHQPENPQHFACLLGRLTELRTFNHHHAEMLMSWRVNDHKFTPLLCEIWDVQ
;
A,C
2 'polypeptide(L)' KDHQLLRYLLDKDE B,D
#
loop_
_chem_comp.id
_chem_comp.type
_chem_comp.name
_chem_comp.formula
9M1 non-polymer 'ethyl (5S)-3-(3,4-difluorobenzene-1-carbonyl)-1,1-dimethyl-1,2,3,4,5,6-hexahydroazepino[4,5-b]indole-5-carboxylate' 'C24 H24 F2 N2 O3'
#
# COMPACT_ATOMS: atom_id res chain seq x y z
N MET A 4 -0.40 12.27 -48.94
CA MET A 4 -1.55 11.84 -48.14
C MET A 4 -1.39 10.37 -47.69
N GLU A 5 -1.54 9.40 -48.63
CA GLU A 5 -1.43 7.96 -48.38
C GLU A 5 0.06 7.54 -48.38
N LEU A 6 0.37 6.35 -47.81
CA LEU A 6 1.75 5.84 -47.75
C LEU A 6 2.25 5.33 -49.10
N THR A 7 3.42 5.81 -49.53
CA THR A 7 4.07 5.40 -50.78
C THR A 7 4.67 4.00 -50.58
N PRO A 8 4.97 3.20 -51.66
CA PRO A 8 5.55 1.86 -51.44
C PRO A 8 6.78 1.81 -50.53
N ASP A 9 7.69 2.81 -50.65
CA ASP A 9 8.90 2.93 -49.81
C ASP A 9 8.53 3.21 -48.36
N GLN A 10 7.47 4.00 -48.13
CA GLN A 10 7.01 4.33 -46.77
C GLN A 10 6.36 3.11 -46.10
N GLN A 11 5.60 2.31 -46.89
CA GLN A 11 4.98 1.07 -46.43
C GLN A 11 6.08 0.08 -46.03
N THR A 12 7.14 -0.01 -46.87
CA THR A 12 8.32 -0.84 -46.67
C THR A 12 9.05 -0.44 -45.39
N LEU A 13 9.27 0.87 -45.18
CA LEU A 13 9.92 1.42 -44.00
C LEU A 13 9.14 1.11 -42.72
N LEU A 14 7.82 1.34 -42.72
CA LEU A 14 6.92 1.09 -41.60
C LEU A 14 6.97 -0.38 -41.16
N HIS A 15 6.81 -1.32 -42.13
CA HIS A 15 6.83 -2.76 -41.89
C HIS A 15 8.18 -3.22 -41.30
N PHE A 16 9.29 -2.66 -41.83
CA PHE A 16 10.64 -2.96 -41.35
C PHE A 16 10.87 -2.45 -39.92
N ILE A 17 10.39 -1.23 -39.60
CA ILE A 17 10.49 -0.65 -38.25
C ILE A 17 9.67 -1.50 -37.26
N MET A 18 8.45 -1.93 -37.68
CA MET A 18 7.56 -2.76 -36.88
C MET A 18 8.14 -4.12 -36.53
N ASP A 19 8.79 -4.80 -37.51
CA ASP A 19 9.44 -6.10 -37.31
C ASP A 19 10.56 -5.99 -36.28
N SER A 20 11.40 -4.94 -36.38
CA SER A 20 12.50 -4.66 -35.45
C SER A 20 11.96 -4.36 -34.04
N TYR A 21 10.90 -3.52 -33.94
CA TYR A 21 10.27 -3.13 -32.68
C TYR A 21 9.61 -4.29 -31.95
N ASN A 22 9.01 -5.25 -32.69
CA ASN A 22 8.34 -6.43 -32.15
C ASN A 22 9.30 -7.47 -31.51
N LYS A 23 10.62 -7.30 -31.71
CA LYS A 23 11.66 -8.17 -31.14
C LYS A 23 11.84 -7.93 -29.63
N GLN A 24 11.14 -6.93 -29.07
CA GLN A 24 11.18 -6.57 -27.65
C GLN A 24 10.41 -7.59 -26.83
N ARG A 25 10.65 -7.61 -25.50
CA ARG A 25 9.95 -8.48 -24.55
C ARG A 25 8.48 -8.05 -24.56
N MET A 26 7.57 -9.03 -24.66
CA MET A 26 6.13 -8.80 -24.73
C MET A 26 5.58 -8.08 -23.50
N PRO A 27 4.63 -7.12 -23.65
CA PRO A 27 4.10 -6.43 -22.47
C PRO A 27 3.53 -7.39 -21.42
N GLN A 28 2.96 -8.53 -21.89
CA GLN A 28 2.40 -9.56 -21.01
CA GLN A 28 2.39 -9.55 -21.02
C GLN A 28 3.50 -10.21 -20.18
N GLU A 29 4.70 -10.43 -20.76
CA GLU A 29 5.86 -11.03 -20.10
C GLU A 29 6.34 -10.16 -18.92
N ILE A 30 6.19 -8.84 -19.05
CA ILE A 30 6.55 -7.86 -18.01
C ILE A 30 5.43 -7.74 -16.96
N THR A 31 4.16 -7.57 -17.41
CA THR A 31 3.00 -7.43 -16.51
C THR A 31 2.69 -8.69 -15.70
N ASN A 32 2.86 -9.90 -16.28
CA ASN A 32 2.59 -11.16 -15.58
C ASN A 32 3.50 -11.39 -14.37
N LYS A 33 4.77 -10.96 -14.45
CA LYS A 33 5.76 -11.08 -13.38
C LYS A 33 5.36 -10.23 -12.17
N ILE A 34 4.98 -8.96 -12.42
CA ILE A 34 4.57 -7.99 -11.40
C ILE A 34 3.23 -8.37 -10.76
N LEU A 35 2.21 -8.66 -11.59
CA LEU A 35 0.85 -9.02 -11.16
C LEU A 35 0.73 -10.41 -10.53
N LYS A 36 1.78 -11.24 -10.62
CA LYS A 36 1.84 -12.61 -10.08
C LYS A 36 1.69 -12.64 -8.56
N GLU A 37 2.69 -12.08 -7.85
CA GLU A 37 2.76 -12.05 -6.38
C GLU A 37 3.21 -10.67 -5.89
N ALA A 38 2.98 -10.40 -4.59
CA ALA A 38 3.40 -9.14 -3.96
C ALA A 38 4.86 -9.31 -3.54
N PHE A 39 5.77 -8.57 -4.20
CA PHE A 39 7.21 -8.64 -3.94
C PHE A 39 7.71 -7.44 -3.13
N SER A 40 8.81 -7.64 -2.38
CA SER A 40 9.47 -6.62 -1.56
C SER A 40 10.24 -5.63 -2.44
N ALA A 41 10.68 -4.49 -1.85
CA ALA A 41 11.45 -3.44 -2.52
C ALA A 41 12.79 -3.97 -3.07
N GLU A 42 13.42 -4.92 -2.35
CA GLU A 42 14.69 -5.57 -2.74
C GLU A 42 14.47 -6.48 -3.96
N GLU A 43 13.33 -7.20 -4.00
CA GLU A 43 12.95 -8.09 -5.10
C GLU A 43 12.56 -7.28 -6.33
N ASN A 44 11.74 -6.22 -6.13
CA ASN A 44 11.26 -5.34 -7.20
C ASN A 44 12.38 -4.58 -7.88
N PHE A 45 13.38 -4.11 -7.11
CA PHE A 45 14.53 -3.41 -7.67
C PHE A 45 15.35 -4.35 -8.56
N LEU A 46 15.44 -5.63 -8.19
CA LEU A 46 16.16 -6.67 -8.93
C LEU A 46 15.37 -7.04 -10.20
N ILE A 47 14.02 -7.11 -10.11
CA ILE A 47 13.12 -7.41 -11.22
C ILE A 47 13.20 -6.27 -12.25
N LEU A 48 13.11 -5.01 -11.77
CA LEU A 48 13.16 -3.82 -12.61
C LEU A 48 14.54 -3.57 -13.25
N THR A 49 15.65 -3.89 -12.52
CA THR A 49 17.03 -3.80 -13.01
C THR A 49 17.23 -4.76 -14.21
N GLU A 50 16.72 -6.00 -14.10
CA GLU A 50 16.81 -7.01 -15.18
C GLU A 50 15.95 -6.56 -16.38
N MET A 51 14.72 -6.03 -16.12
CA MET A 51 13.80 -5.53 -17.13
C MET A 51 14.49 -4.42 -17.93
N ALA A 52 15.09 -3.44 -17.23
CA ALA A 52 15.81 -2.32 -17.86
C ALA A 52 17.05 -2.75 -18.64
N THR A 53 17.83 -3.73 -18.12
CA THR A 53 19.02 -4.26 -18.79
C THR A 53 18.60 -4.90 -20.12
N ASN A 54 17.52 -5.71 -20.11
CA ASN A 54 16.97 -6.34 -21.31
C ASN A 54 16.46 -5.25 -22.28
N HIS A 55 15.79 -4.21 -21.75
CA HIS A 55 15.29 -3.10 -22.57
C HIS A 55 16.43 -2.43 -23.34
N VAL A 56 17.53 -2.07 -22.64
CA VAL A 56 18.71 -1.46 -23.25
C VAL A 56 19.30 -2.38 -24.32
N GLN A 57 19.44 -3.69 -24.02
CA GLN A 57 19.99 -4.71 -24.94
C GLN A 57 19.22 -4.76 -26.26
N VAL A 58 17.88 -4.88 -26.20
CA VAL A 58 17.03 -4.91 -27.38
C VAL A 58 17.01 -3.54 -28.09
N LEU A 59 17.08 -2.42 -27.32
CA LEU A 59 17.10 -1.05 -27.88
C LEU A 59 18.32 -0.83 -28.78
N VAL A 60 19.50 -1.33 -28.39
CA VAL A 60 20.72 -1.23 -29.19
C VAL A 60 20.54 -1.97 -30.52
N GLU A 61 19.92 -3.18 -30.48
CA GLU A 61 19.64 -3.98 -31.68
C GLU A 61 18.63 -3.29 -32.59
N PHE A 62 17.56 -2.67 -32.02
CA PHE A 62 16.56 -1.92 -32.76
C PHE A 62 17.23 -0.72 -33.45
N THR A 63 18.03 0.05 -32.67
CA THR A 63 18.78 1.23 -33.10
C THR A 63 19.71 0.93 -34.28
N LYS A 64 20.43 -0.20 -34.23
CA LYS A 64 21.35 -0.67 -35.28
C LYS A 64 20.61 -0.92 -36.60
N LYS A 65 19.37 -1.41 -36.50
CA LYS A 65 18.51 -1.73 -37.63
C LYS A 65 17.88 -0.51 -38.29
N LEU A 66 17.83 0.65 -37.60
CA LEU A 66 17.25 1.89 -38.15
C LEU A 66 17.97 2.29 -39.43
N PRO A 67 17.24 2.49 -40.55
CA PRO A 67 17.92 2.81 -41.82
C PRO A 67 18.89 3.97 -41.75
N GLY A 68 20.12 3.71 -42.16
CA GLY A 68 21.21 4.68 -42.19
C GLY A 68 21.99 4.86 -40.89
N PHE A 69 21.58 4.21 -39.79
CA PHE A 69 22.27 4.35 -38.49
C PHE A 69 23.72 3.87 -38.52
N GLN A 70 24.00 2.80 -39.29
CA GLN A 70 25.35 2.22 -39.41
C GLN A 70 26.32 3.13 -40.19
N THR A 71 25.78 4.01 -41.08
CA THR A 71 26.58 4.95 -41.88
C THR A 71 27.07 6.16 -41.06
N LEU A 72 26.47 6.40 -39.87
CA LEU A 72 26.83 7.51 -38.97
C LEU A 72 28.18 7.30 -38.30
N ASP A 73 28.81 8.42 -37.88
CA ASP A 73 30.09 8.47 -37.15
C ASP A 73 29.91 7.72 -35.82
N HIS A 74 30.92 6.92 -35.42
CA HIS A 74 30.91 6.09 -34.22
C HIS A 74 30.62 6.84 -32.93
N GLU A 75 31.18 8.06 -32.76
CA GLU A 75 30.97 8.89 -31.57
C GLU A 75 29.52 9.36 -31.48
N ASP A 76 28.93 9.77 -32.62
CA ASP A 76 27.52 10.21 -32.71
C ASP A 76 26.57 9.07 -32.36
N GLN A 77 26.87 7.84 -32.83
CA GLN A 77 26.10 6.62 -32.56
C GLN A 77 25.91 6.39 -31.06
N ILE A 78 27.02 6.49 -30.29
CA ILE A 78 27.08 6.32 -28.83
C ILE A 78 26.24 7.39 -28.15
N ALA A 79 26.44 8.67 -28.55
CA ALA A 79 25.72 9.83 -28.02
C ALA A 79 24.22 9.75 -28.29
N LEU A 80 23.83 9.17 -29.45
CA LEU A 80 22.43 9.00 -29.80
C LEU A 80 21.75 7.95 -28.90
N LEU A 81 22.43 6.81 -28.66
CA LEU A 81 21.90 5.74 -27.81
C LEU A 81 21.87 6.13 -26.35
N LYS A 82 22.95 6.74 -25.85
CA LYS A 82 23.07 7.19 -24.46
C LYS A 82 22.07 8.31 -24.15
N GLY A 83 21.88 9.22 -25.11
CA GLY A 83 20.95 10.34 -24.96
C GLY A 83 19.49 9.99 -25.10
N SER A 84 19.16 8.79 -25.64
CA SER A 84 17.78 8.36 -25.86
C SER A 84 17.28 7.21 -25.00
N ALA A 85 18.19 6.41 -24.41
CA ALA A 85 17.89 5.19 -23.64
C ALA A 85 16.80 5.36 -22.59
N VAL A 86 16.89 6.41 -21.77
CA VAL A 86 15.93 6.69 -20.69
C VAL A 86 14.55 7.04 -21.26
N GLU A 87 14.51 7.98 -22.23
CA GLU A 87 13.28 8.40 -22.90
C GLU A 87 12.59 7.20 -23.54
N ALA A 88 13.34 6.32 -24.24
CA ALA A 88 12.80 5.13 -24.90
C ALA A 88 12.25 4.13 -23.89
N MET A 89 12.90 4.00 -22.71
CA MET A 89 12.41 3.11 -21.65
C MET A 89 11.06 3.61 -21.09
N PHE A 90 10.90 4.94 -20.89
CA PHE A 90 9.65 5.53 -20.41
C PHE A 90 8.55 5.50 -21.46
N LEU A 91 8.92 5.61 -22.75
CA LEU A 91 7.93 5.50 -23.83
C LEU A 91 7.41 4.04 -23.89
N ARG A 92 8.32 3.04 -23.75
CA ARG A 92 7.96 1.61 -23.73
C ARG A 92 7.12 1.28 -22.49
N SER A 93 7.52 1.80 -21.31
CA SER A 93 6.79 1.59 -20.06
C SER A 93 5.36 2.11 -20.15
N ALA A 94 5.17 3.24 -20.87
CA ALA A 94 3.87 3.86 -21.10
C ALA A 94 3.01 2.95 -21.96
N GLU A 95 3.61 2.34 -23.00
CA GLU A 95 2.96 1.41 -23.92
C GLU A 95 2.45 0.18 -23.16
N ILE A 96 3.30 -0.39 -22.27
CA ILE A 96 2.97 -1.55 -21.44
C ILE A 96 1.83 -1.24 -20.47
N PHE A 97 1.93 -0.15 -19.69
CA PHE A 97 0.91 0.23 -18.72
C PHE A 97 -0.48 0.46 -19.34
N ASN A 98 -0.52 1.08 -20.54
CA ASN A 98 -1.76 1.39 -21.25
C ASN A 98 -2.38 0.22 -22.01
N LYS A 99 -1.69 -0.95 -22.06
CA LYS A 99 -2.20 -2.15 -22.71
CA LYS A 99 -2.22 -2.14 -22.72
C LYS A 99 -3.39 -2.67 -21.91
N LYS A 100 -4.56 -2.78 -22.56
CA LYS A 100 -5.79 -3.26 -21.91
C LYS A 100 -5.62 -4.66 -21.36
N LEU A 101 -5.94 -4.80 -20.07
CA LEU A 101 -5.86 -6.03 -19.29
C LEU A 101 -7.25 -6.32 -18.68
N PRO A 102 -7.50 -7.48 -17.99
CA PRO A 102 -8.82 -7.70 -17.36
C PRO A 102 -9.13 -6.66 -16.28
N SER A 103 -10.41 -6.60 -15.84
CA SER A 103 -10.90 -5.63 -14.83
C SER A 103 -10.05 -5.59 -13.54
N GLY A 104 -9.57 -4.39 -13.23
CA GLY A 104 -8.76 -4.11 -12.04
C GLY A 104 -7.30 -4.50 -12.10
N HIS A 105 -6.84 -5.10 -13.23
CA HIS A 105 -5.46 -5.54 -13.40
C HIS A 105 -4.50 -4.36 -13.58
N SER A 106 -4.87 -3.37 -14.42
CA SER A 106 -4.09 -2.15 -14.66
C SER A 106 -3.96 -1.32 -13.37
N ASP A 107 -5.03 -1.32 -12.54
CA ASP A 107 -5.07 -0.63 -11.25
C ASP A 107 -4.16 -1.33 -10.23
N LEU A 108 -4.09 -2.68 -10.29
CA LEU A 108 -3.22 -3.48 -9.43
C LEU A 108 -1.76 -3.32 -9.85
N LEU A 109 -1.49 -3.21 -11.17
CA LEU A 109 -0.14 -2.99 -11.70
C LEU A 109 0.39 -1.64 -11.22
N GLU A 110 -0.47 -0.60 -11.26
CA GLU A 110 -0.17 0.76 -10.81
C GLU A 110 0.17 0.75 -9.32
N ALA A 111 -0.60 -0.01 -8.51
CA ALA A 111 -0.42 -0.16 -7.07
C ALA A 111 0.92 -0.82 -6.70
N ARG A 112 1.31 -1.90 -7.43
CA ARG A 112 2.56 -2.63 -7.19
C ARG A 112 3.80 -1.79 -7.51
N ILE A 113 3.74 -0.98 -8.60
CA ILE A 113 4.83 -0.08 -9.02
C ILE A 113 4.98 1.06 -7.99
N ARG A 114 3.85 1.64 -7.54
CA ARG A 114 3.82 2.72 -6.55
C ARG A 114 4.43 2.31 -5.19
N ASN A 115 4.34 1.01 -4.86
CA ASN A 115 4.82 0.41 -3.61
C ASN A 115 6.03 -0.52 -3.83
N SER A 116 6.79 -0.27 -4.93
CA SER A 116 7.97 -1.07 -5.28
C SER A 116 9.30 -0.59 -4.65
N GLY A 117 9.25 0.51 -3.89
CA GLY A 117 10.41 1.08 -3.22
C GLY A 117 10.76 2.50 -3.65
N ILE A 118 10.25 2.92 -4.81
CA ILE A 118 10.45 4.25 -5.41
C ILE A 118 9.79 5.38 -4.59
N SER A 119 10.44 6.56 -4.59
CA SER A 119 9.93 7.77 -3.90
C SER A 119 8.72 8.29 -4.66
N ASP A 120 7.72 8.81 -3.94
CA ASP A 120 6.48 9.37 -4.50
C ASP A 120 6.71 10.61 -5.37
N GLU A 121 7.80 11.36 -5.11
CA GLU A 121 8.24 12.54 -5.84
C GLU A 121 8.45 12.24 -7.35
N TYR A 122 8.89 11.00 -7.66
CA TYR A 122 9.13 10.54 -9.03
C TYR A 122 7.99 9.71 -9.65
N ILE A 123 7.14 9.09 -8.81
CA ILE A 123 5.99 8.26 -9.24
C ILE A 123 4.88 9.10 -9.88
N THR A 124 4.42 10.15 -9.17
CA THR A 124 3.32 11.02 -9.59
C THR A 124 3.53 11.55 -11.04
N PRO A 125 4.68 12.18 -11.44
CA PRO A 125 4.81 12.62 -12.84
C PRO A 125 4.91 11.47 -13.86
N MET A 126 5.38 10.30 -13.41
CA MET A 126 5.55 9.10 -14.21
C MET A 126 4.18 8.52 -14.62
N PHE A 127 3.27 8.28 -13.63
CA PHE A 127 1.93 7.77 -13.91
C PHE A 127 1.04 8.81 -14.56
N SER A 128 1.39 10.10 -14.40
CA SER A 128 0.68 11.22 -15.04
C SER A 128 0.99 11.16 -16.53
N PHE A 129 2.28 10.97 -16.87
CA PHE A 129 2.75 10.83 -18.24
C PHE A 129 2.15 9.59 -18.92
N TYR A 130 2.12 8.44 -18.21
CA TYR A 130 1.55 7.18 -18.74
C TYR A 130 0.07 7.35 -19.05
N LYS A 131 -0.68 8.01 -18.15
CA LYS A 131 -2.11 8.28 -18.33
C LYS A 131 -2.38 9.31 -19.41
N SER A 132 -1.47 10.30 -19.57
CA SER A 132 -1.57 11.33 -20.61
C SER A 132 -1.30 10.74 -21.98
N ILE A 133 -0.29 9.84 -22.10
CA ILE A 133 0.07 9.13 -23.32
C ILE A 133 -1.08 8.22 -23.76
N GLY A 134 -1.74 7.58 -22.79
CA GLY A 134 -2.87 6.69 -22.99
C GLY A 134 -4.06 7.34 -23.65
N GLU A 135 -4.33 8.61 -23.25
CA GLU A 135 -5.43 9.46 -23.74
C GLU A 135 -5.35 9.65 -25.25
N LEU A 136 -4.14 9.60 -25.81
CA LEU A 136 -3.88 9.76 -27.24
C LEU A 136 -4.32 8.55 -28.07
N LYS A 137 -4.51 7.38 -27.39
CA LYS A 137 -4.93 6.10 -27.97
C LYS A 137 -4.03 5.70 -29.15
N MET A 138 -2.71 5.69 -28.87
CA MET A 138 -1.67 5.37 -29.84
C MET A 138 -1.69 3.91 -30.27
N THR A 139 -1.39 3.68 -31.56
CA THR A 139 -1.27 2.34 -32.13
C THR A 139 0.18 1.90 -31.97
N GLN A 140 0.46 0.58 -32.09
CA GLN A 140 1.82 0.04 -31.99
C GLN A 140 2.80 0.67 -33.00
N GLU A 141 2.29 1.05 -34.19
CA GLU A 141 3.08 1.67 -35.26
C GLU A 141 3.53 3.07 -34.83
N GLU A 142 2.66 3.79 -34.12
CA GLU A 142 2.98 5.13 -33.62
C GLU A 142 4.03 5.03 -32.52
N TYR A 143 3.91 4.03 -31.63
CA TYR A 143 4.89 3.78 -30.56
C TYR A 143 6.25 3.44 -31.15
N ALA A 144 6.29 2.58 -32.18
CA ALA A 144 7.51 2.16 -32.87
C ALA A 144 8.19 3.32 -33.57
N LEU A 145 7.41 4.12 -34.34
CA LEU A 145 7.95 5.26 -35.09
C LEU A 145 8.42 6.36 -34.15
N LEU A 146 7.64 6.64 -33.08
CA LEU A 146 7.99 7.64 -32.09
C LEU A 146 9.29 7.27 -31.38
N THR A 147 9.53 5.96 -31.13
CA THR A 147 10.78 5.47 -30.54
C THR A 147 11.96 5.73 -31.49
N ALA A 148 11.79 5.44 -32.80
CA ALA A 148 12.82 5.68 -33.82
C ALA A 148 13.17 7.19 -33.93
N ILE A 149 12.16 8.07 -33.81
CA ILE A 149 12.28 9.53 -33.85
C ILE A 149 13.05 10.02 -32.62
N VAL A 150 12.73 9.45 -31.43
CA VAL A 150 13.41 9.72 -30.16
C VAL A 150 14.90 9.41 -30.28
N ILE A 151 15.24 8.20 -30.79
CA ILE A 151 16.61 7.74 -30.98
C ILE A 151 17.37 8.64 -31.97
N LEU A 152 16.72 8.98 -33.09
CA LEU A 152 17.33 9.79 -34.14
C LEU A 152 17.05 11.29 -33.98
N SER A 153 17.19 11.79 -32.74
CA SER A 153 17.01 13.21 -32.43
C SER A 153 18.33 13.93 -32.71
N PRO A 154 18.39 14.79 -33.75
CA PRO A 154 19.66 15.49 -34.05
C PRO A 154 20.06 16.50 -32.98
N ASP A 155 19.07 17.11 -32.31
CA ASP A 155 19.22 18.11 -31.23
C ASP A 155 19.64 17.43 -29.90
N ARG A 156 20.59 16.50 -29.98
CA ARG A 156 21.11 15.76 -28.84
C ARG A 156 22.53 16.22 -28.49
N GLN A 157 22.92 16.08 -27.21
CA GLN A 157 24.23 16.47 -26.69
C GLN A 157 25.39 15.72 -27.32
N TYR A 158 26.51 16.44 -27.54
CA TYR A 158 27.79 15.97 -28.08
C TYR A 158 27.74 15.40 -29.52
N ILE A 159 26.66 15.69 -30.28
CA ILE A 159 26.56 15.24 -31.67
C ILE A 159 27.40 16.17 -32.56
N LYS A 160 28.33 15.58 -33.33
CA LYS A 160 29.23 16.31 -34.24
C LYS A 160 28.49 16.72 -35.51
N ASP A 161 27.87 15.75 -36.22
CA ASP A 161 27.12 15.97 -37.46
C ASP A 161 25.61 15.83 -37.22
N ARG A 162 24.95 16.98 -36.96
CA ARG A 162 23.51 17.05 -36.72
C ARG A 162 22.71 16.77 -37.99
N GLU A 163 23.17 17.32 -39.14
CA GLU A 163 22.54 17.21 -40.45
C GLU A 163 22.40 15.76 -40.94
N ALA A 164 23.39 14.90 -40.63
CA ALA A 164 23.36 13.47 -41.00
C ALA A 164 22.23 12.76 -40.23
N VAL A 165 22.01 13.16 -38.95
CA VAL A 165 20.95 12.62 -38.09
C VAL A 165 19.59 13.13 -38.59
N GLU A 166 19.52 14.41 -39.00
CA GLU A 166 18.31 15.08 -39.55
C GLU A 166 17.77 14.30 -40.74
N LYS A 167 18.66 13.89 -41.67
CA LYS A 167 18.34 13.12 -42.87
C LYS A 167 17.76 11.74 -42.59
N LEU A 168 18.08 11.15 -41.43
CA LEU A 168 17.57 9.83 -41.05
C LEU A 168 16.25 9.92 -40.32
N GLN A 169 16.06 10.98 -39.51
CA GLN A 169 14.84 11.21 -38.75
C GLN A 169 13.68 11.67 -39.63
N GLU A 170 13.98 12.55 -40.62
CA GLU A 170 13.02 13.15 -41.55
C GLU A 170 12.04 12.15 -42.21
N PRO A 171 12.47 11.01 -42.85
CA PRO A 171 11.49 10.10 -43.44
C PRO A 171 10.56 9.46 -42.40
N LEU A 172 11.08 9.24 -41.16
CA LEU A 172 10.29 8.65 -40.07
C LEU A 172 9.22 9.59 -39.58
N LEU A 173 9.52 10.92 -39.53
CA LEU A 173 8.58 11.96 -39.14
C LEU A 173 7.47 12.04 -40.19
N ASP A 174 7.85 11.98 -41.49
CA ASP A 174 6.94 12.00 -42.64
C ASP A 174 5.96 10.83 -42.60
N VAL A 175 6.47 9.61 -42.29
CA VAL A 175 5.65 8.39 -42.16
C VAL A 175 4.64 8.57 -41.02
N LEU A 176 5.12 9.00 -39.83
CA LEU A 176 4.27 9.23 -38.66
C LEU A 176 3.18 10.27 -38.93
N GLN A 177 3.54 11.39 -39.60
CA GLN A 177 2.61 12.46 -39.97
C GLN A 177 1.49 11.92 -40.85
N LYS A 178 1.82 11.05 -41.83
CA LYS A 178 0.85 10.44 -42.74
C LYS A 178 -0.10 9.52 -41.95
N LEU A 179 0.46 8.67 -41.05
CA LEU A 179 -0.33 7.75 -40.21
C LEU A 179 -1.34 8.47 -39.32
N CYS A 180 -0.95 9.63 -38.73
CA CYS A 180 -1.81 10.45 -37.88
C CYS A 180 -3.01 10.98 -38.66
N LYS A 181 -2.79 11.39 -39.93
CA LYS A 181 -3.83 11.89 -40.84
C LYS A 181 -4.76 10.76 -41.33
N ILE A 182 -4.29 9.50 -41.23
CA ILE A 182 -5.03 8.29 -41.64
C ILE A 182 -5.86 7.74 -40.47
N HIS A 183 -5.20 7.35 -39.36
CA HIS A 183 -5.84 6.77 -38.19
C HIS A 183 -6.75 7.74 -37.43
N GLN A 184 -6.37 9.03 -37.39
CA GLN A 184 -7.14 10.06 -36.70
C GLN A 184 -7.39 11.32 -37.57
N PRO A 185 -8.24 11.23 -38.64
CA PRO A 185 -8.51 12.42 -39.47
C PRO A 185 -9.38 13.46 -38.76
N GLU A 186 -10.09 13.03 -37.70
CA GLU A 186 -10.96 13.83 -36.84
C GLU A 186 -10.17 14.87 -36.04
N ASN A 187 -8.92 14.51 -35.66
CA ASN A 187 -8.02 15.36 -34.87
C ASN A 187 -6.76 15.77 -35.67
N PRO A 188 -6.78 16.95 -36.34
CA PRO A 188 -5.58 17.38 -37.10
C PRO A 188 -4.39 17.80 -36.23
N GLN A 189 -4.57 17.86 -34.90
CA GLN A 189 -3.55 18.22 -33.93
C GLN A 189 -2.86 17.00 -33.31
N HIS A 190 -3.30 15.77 -33.69
CA HIS A 190 -2.77 14.49 -33.18
C HIS A 190 -1.27 14.32 -33.36
N PHE A 191 -0.73 14.71 -34.54
CA PHE A 191 0.71 14.61 -34.81
C PHE A 191 1.49 15.55 -33.90
N ALA A 192 0.99 16.79 -33.71
CA ALA A 192 1.57 17.82 -32.83
C ALA A 192 1.63 17.34 -31.37
N CYS A 193 0.56 16.65 -30.89
CA CYS A 193 0.49 16.06 -29.56
C CYS A 193 1.60 15.05 -29.33
N LEU A 194 1.87 14.19 -30.34
CA LEU A 194 2.90 13.15 -30.29
C LEU A 194 4.28 13.78 -30.16
N LEU A 195 4.56 14.78 -31.00
CA LEU A 195 5.84 15.50 -30.99
C LEU A 195 6.04 16.23 -29.67
N GLY A 196 4.96 16.78 -29.12
CA GLY A 196 4.95 17.49 -27.84
C GLY A 196 5.29 16.58 -26.68
N ARG A 197 4.87 15.31 -26.77
CA ARG A 197 5.14 14.27 -25.77
C ARG A 197 6.62 13.91 -25.71
N LEU A 198 7.39 14.25 -26.76
CA LEU A 198 8.84 14.01 -26.81
C LEU A 198 9.58 14.99 -25.92
N THR A 199 9.07 16.24 -25.80
CA THR A 199 9.63 17.27 -24.94
C THR A 199 9.37 16.87 -23.48
N GLU A 200 8.17 16.33 -23.21
CA GLU A 200 7.76 15.84 -21.90
C GLU A 200 8.65 14.66 -21.48
N LEU A 201 9.02 13.78 -22.46
CA LEU A 201 9.89 12.63 -22.25
C LEU A 201 11.27 13.06 -21.75
N ARG A 202 11.80 14.16 -22.32
CA ARG A 202 13.10 14.73 -21.98
C ARG A 202 13.22 15.11 -20.51
N THR A 203 12.10 15.40 -19.80
CA THR A 203 12.10 15.78 -18.38
C THR A 203 12.53 14.62 -17.46
N PHE A 204 12.35 13.36 -17.88
CA PHE A 204 12.72 12.18 -17.09
C PHE A 204 14.23 11.91 -17.04
N ASN A 205 15.04 12.66 -17.81
CA ASN A 205 16.50 12.50 -17.88
C ASN A 205 17.29 13.03 -16.70
N HIS A 206 17.13 14.33 -16.40
CA HIS A 206 17.88 15.08 -15.39
C HIS A 206 17.90 14.43 -14.00
N HIS A 207 16.74 13.93 -13.51
CA HIS A 207 16.64 13.33 -12.18
C HIS A 207 16.55 11.81 -12.16
N HIS A 208 16.92 11.13 -13.28
CA HIS A 208 16.86 9.67 -13.39
C HIS A 208 17.77 8.95 -12.38
N ALA A 209 19.08 9.26 -12.37
CA ALA A 209 20.07 8.67 -11.46
C ALA A 209 19.69 8.91 -9.98
N GLU A 210 19.02 10.06 -9.70
CA GLU A 210 18.53 10.48 -8.39
C GLU A 210 17.38 9.58 -7.94
N MET A 211 16.46 9.26 -8.87
CA MET A 211 15.31 8.38 -8.63
C MET A 211 15.81 6.97 -8.26
N LEU A 212 16.82 6.47 -9.01
CA LEU A 212 17.45 5.16 -8.80
C LEU A 212 18.14 5.06 -7.44
N MET A 213 18.92 6.08 -7.03
CA MET A 213 19.65 6.05 -5.76
C MET A 213 18.75 6.31 -4.54
N SER A 214 17.63 7.05 -4.72
CA SER A 214 16.70 7.32 -3.63
C SER A 214 15.70 6.17 -3.39
N TRP A 215 15.89 5.01 -4.08
CA TRP A 215 15.10 3.80 -3.96
C TRP A 215 15.27 3.25 -2.55
N ARG A 216 14.16 2.88 -1.89
CA ARG A 216 14.16 2.37 -0.52
C ARG A 216 14.67 0.93 -0.44
N VAL A 217 15.98 0.79 -0.65
CA VAL A 217 16.78 -0.45 -0.60
C VAL A 217 18.12 -0.10 0.05
N ASN A 218 18.67 -1.00 0.87
CA ASN A 218 19.94 -0.78 1.58
C ASN A 218 21.12 -0.66 0.61
N ASP A 219 21.12 -1.48 -0.47
CA ASP A 219 22.17 -1.49 -1.49
C ASP A 219 21.56 -1.36 -2.89
N HIS A 220 22.13 -0.46 -3.70
CA HIS A 220 21.66 -0.20 -5.07
C HIS A 220 22.57 -0.86 -6.13
N LYS A 221 22.33 -2.16 -6.40
CA LYS A 221 23.09 -2.95 -7.36
C LYS A 221 22.51 -2.83 -8.76
N PHE A 222 23.38 -2.50 -9.74
CA PHE A 222 23.02 -2.37 -11.16
C PHE A 222 23.95 -3.24 -11.98
N THR A 223 23.52 -3.61 -13.20
CA THR A 223 24.33 -4.38 -14.14
C THR A 223 25.37 -3.44 -14.78
N PRO A 224 26.56 -3.93 -15.22
CA PRO A 224 27.55 -3.01 -15.84
C PRO A 224 27.04 -2.23 -17.05
N LEU A 225 26.12 -2.81 -17.84
CA LEU A 225 25.52 -2.15 -19.01
C LEU A 225 24.64 -0.95 -18.58
N LEU A 226 23.86 -1.12 -17.49
CA LEU A 226 23.05 -0.03 -16.92
C LEU A 226 23.93 1.08 -16.38
N CYS A 227 25.04 0.73 -15.71
CA CYS A 227 26.03 1.68 -15.18
C CYS A 227 26.60 2.56 -16.30
N GLU A 228 26.83 1.98 -17.48
CA GLU A 228 27.35 2.67 -18.66
C GLU A 228 26.34 3.60 -19.31
N ILE A 229 25.10 3.13 -19.46
CA ILE A 229 24.01 3.86 -20.12
C ILE A 229 23.40 4.94 -19.22
N TRP A 230 23.18 4.64 -17.93
CA TRP A 230 22.56 5.54 -16.95
C TRP A 230 23.55 6.42 -16.15
N ASP A 231 24.88 6.19 -16.31
CA ASP A 231 25.94 6.91 -15.60
C ASP A 231 25.76 6.82 -14.07
N VAL A 232 25.60 5.58 -13.57
CA VAL A 232 25.42 5.27 -12.14
C VAL A 232 26.60 4.38 -11.68
N GLN A 233 26.86 4.36 -10.35
CA GLN A 233 27.95 3.61 -9.69
C GLN A 233 29.34 3.94 -10.22
N ASP B 2 35.31 5.43 -20.71
CA ASP B 2 34.84 5.09 -22.06
C ASP B 2 33.64 4.13 -22.02
N HIS B 3 32.71 4.30 -22.96
CA HIS B 3 31.51 3.46 -23.08
C HIS B 3 31.87 2.23 -23.94
N GLN B 4 32.74 1.35 -23.40
CA GLN B 4 33.23 0.17 -24.12
C GLN B 4 32.15 -0.91 -24.34
N LEU B 5 31.22 -1.09 -23.40
CA LEU B 5 30.14 -2.08 -23.56
C LEU B 5 29.16 -1.67 -24.66
N LEU B 6 28.81 -0.37 -24.70
CA LEU B 6 27.90 0.19 -25.70
C LEU B 6 28.55 0.19 -27.08
N ARG B 7 29.88 0.50 -27.17
CA ARG B 7 30.66 0.50 -28.41
C ARG B 7 30.75 -0.91 -28.99
N TYR B 8 30.95 -1.92 -28.12
CA TYR B 8 31.01 -3.33 -28.50
C TYR B 8 29.69 -3.81 -29.08
N LEU B 9 28.57 -3.49 -28.40
CA LEU B 9 27.22 -3.87 -28.85
C LEU B 9 26.87 -3.22 -30.19
N LEU B 10 27.44 -2.02 -30.45
CA LEU B 10 27.23 -1.27 -31.68
C LEU B 10 28.04 -1.84 -32.85
N ASP B 11 29.30 -2.30 -32.59
CA ASP B 11 30.16 -2.87 -33.63
C ASP B 11 29.70 -4.30 -33.98
N LYS B 12 30.14 -5.31 -33.17
CA LYS B 12 29.82 -6.74 -33.31
C LYS B 12 30.12 -7.31 -34.71
N MET C 4 4.68 7.32 4.39
CA MET C 4 4.55 5.94 3.95
C MET C 4 5.10 4.93 4.99
N GLU C 5 6.43 4.86 5.16
CA GLU C 5 7.13 3.98 6.10
C GLU C 5 7.13 4.61 7.51
N LEU C 6 7.26 3.78 8.55
CA LEU C 6 7.30 4.29 9.93
C LEU C 6 8.58 5.07 10.17
N THR C 7 8.49 6.19 10.88
CA THR C 7 9.64 7.03 11.26
C THR C 7 10.21 6.45 12.56
N PRO C 8 11.49 6.72 12.93
CA PRO C 8 12.03 6.18 14.20
C PRO C 8 11.17 6.44 15.45
N ASP C 9 10.57 7.64 15.56
CA ASP C 9 9.67 8.01 16.67
C ASP C 9 8.38 7.18 16.64
N GLN C 10 7.88 6.87 15.43
CA GLN C 10 6.67 6.05 15.27
C GLN C 10 6.95 4.59 15.65
N GLN C 11 8.16 4.08 15.30
CA GLN C 11 8.58 2.72 15.66
C GLN C 11 8.74 2.61 17.18
N THR C 12 9.28 3.69 17.82
CA THR C 12 9.44 3.84 19.26
C THR C 12 8.07 3.85 19.97
N LEU C 13 7.10 4.61 19.42
CA LEU C 13 5.72 4.69 19.94
C LEU C 13 5.03 3.32 19.88
N LEU C 14 5.11 2.63 18.72
CA LEU C 14 4.53 1.31 18.48
C LEU C 14 5.05 0.28 19.50
N HIS C 15 6.39 0.18 19.67
CA HIS C 15 7.03 -0.73 20.62
C HIS C 15 6.61 -0.46 22.06
N PHE C 16 6.49 0.83 22.44
CA PHE C 16 6.04 1.24 23.77
C PHE C 16 4.56 0.86 24.02
N ILE C 17 3.69 1.05 23.02
CA ILE C 17 2.26 0.68 23.10
C ILE C 17 2.14 -0.85 23.23
N MET C 18 2.95 -1.60 22.45
CA MET C 18 2.98 -3.07 22.48
C MET C 18 3.40 -3.65 23.81
N ASP C 19 4.45 -3.07 24.46
CA ASP C 19 4.94 -3.49 25.77
C ASP C 19 3.85 -3.31 26.84
N SER C 20 3.15 -2.16 26.82
CA SER C 20 2.05 -1.85 27.74
C SER C 20 0.88 -2.81 27.52
N TYR C 21 0.50 -3.07 26.26
CA TYR C 21 -0.60 -3.96 25.86
C TYR C 21 -0.37 -5.42 26.25
N ASN C 22 0.91 -5.88 26.18
CA ASN C 22 1.30 -7.26 26.52
C ASN C 22 1.24 -7.58 28.02
N LYS C 23 1.03 -6.56 28.87
CA LYS C 23 0.89 -6.70 30.33
C LYS C 23 -0.47 -7.31 30.73
N GLN C 24 -1.36 -7.53 29.74
CA GLN C 24 -2.69 -8.12 29.93
C GLN C 24 -2.58 -9.62 30.18
N ARG C 25 -3.66 -10.21 30.74
CA ARG C 25 -3.79 -11.65 30.98
C ARG C 25 -3.74 -12.34 29.61
N MET C 26 -2.92 -13.39 29.50
CA MET C 26 -2.72 -14.14 28.25
C MET C 26 -4.02 -14.76 27.73
N PRO C 27 -4.28 -14.75 26.39
CA PRO C 27 -5.52 -15.37 25.88
C PRO C 27 -5.68 -16.83 26.31
N GLN C 28 -4.55 -17.56 26.44
CA GLN C 28 -4.50 -18.95 26.88
C GLN C 28 -5.01 -19.08 28.32
N GLU C 29 -4.64 -18.12 29.20
CA GLU C 29 -5.05 -18.08 30.62
C GLU C 29 -6.58 -17.96 30.77
N ILE C 30 -7.22 -17.26 29.81
CA ILE C 30 -8.67 -17.07 29.77
C ILE C 30 -9.37 -18.30 29.13
N THR C 31 -8.87 -18.75 27.96
CA THR C 31 -9.44 -19.91 27.24
C THR C 31 -9.29 -21.24 27.99
N ASN C 32 -8.16 -21.47 28.69
CA ASN C 32 -7.91 -22.70 29.44
C ASN C 32 -8.90 -22.93 30.57
N LYS C 33 -9.34 -21.86 31.26
CA LYS C 33 -10.31 -21.90 32.36
C LYS C 33 -11.68 -22.37 31.86
N ILE C 34 -12.16 -21.78 30.74
CA ILE C 34 -13.45 -22.07 30.13
C ILE C 34 -13.47 -23.47 29.50
N LEU C 35 -12.45 -23.80 28.68
CA LEU C 35 -12.32 -25.08 27.98
C LEU C 35 -11.98 -26.28 28.89
N LYS C 36 -11.61 -26.01 30.16
CA LYS C 36 -11.24 -27.03 31.15
C LYS C 36 -12.38 -27.99 31.47
N GLU C 37 -13.47 -27.47 32.06
CA GLU C 37 -14.65 -28.25 32.48
C GLU C 37 -15.93 -27.51 32.13
N ALA C 38 -17.06 -28.23 32.12
CA ALA C 38 -18.38 -27.66 31.86
C ALA C 38 -18.91 -27.08 33.16
N PHE C 39 -19.01 -25.74 33.23
CA PHE C 39 -19.47 -25.03 34.42
C PHE C 39 -20.92 -24.52 34.28
N SER C 40 -21.61 -24.38 35.43
CA SER C 40 -23.00 -23.90 35.51
C SER C 40 -23.08 -22.39 35.26
N ALA C 41 -24.31 -21.85 35.07
CA ALA C 41 -24.58 -20.43 34.83
C ALA C 41 -24.10 -19.55 35.99
N GLU C 42 -24.21 -20.06 37.24
CA GLU C 42 -23.77 -19.37 38.47
C GLU C 42 -22.23 -19.29 38.52
N GLU C 43 -21.55 -20.38 38.09
CA GLU C 43 -20.09 -20.46 38.04
C GLU C 43 -19.54 -19.59 36.92
N ASN C 44 -20.13 -19.70 35.70
CA ASN C 44 -19.74 -18.96 34.50
C ASN C 44 -19.87 -17.45 34.66
N PHE C 45 -20.92 -16.97 35.36
CA PHE C 45 -21.13 -15.55 35.62
C PHE C 45 -20.05 -15.02 36.56
N LEU C 46 -19.62 -15.85 37.55
CA LEU C 46 -18.57 -15.53 38.51
C LEU C 46 -17.20 -15.51 37.81
N ILE C 47 -16.99 -16.43 36.83
CA ILE C 47 -15.76 -16.54 36.04
C ILE C 47 -15.64 -15.30 35.11
N LEU C 48 -16.75 -14.93 34.44
CA LEU C 48 -16.82 -13.77 33.54
C LEU C 48 -16.71 -12.44 34.28
N THR C 49 -17.27 -12.34 35.50
CA THR C 49 -17.20 -11.15 36.35
C THR C 49 -15.75 -10.88 36.76
N GLU C 50 -14.99 -11.95 37.11
CA GLU C 50 -13.57 -11.87 37.49
C GLU C 50 -12.71 -11.44 36.27
N MET C 51 -13.06 -11.93 35.07
CA MET C 51 -12.41 -11.62 33.79
C MET C 51 -12.57 -10.13 33.48
N ALA C 52 -13.79 -9.61 33.63
CA ALA C 52 -14.19 -8.23 33.39
C ALA C 52 -13.52 -7.28 34.39
N THR C 53 -13.38 -7.72 35.66
CA THR C 53 -12.73 -6.94 36.73
C THR C 53 -11.24 -6.82 36.43
N ASN C 54 -10.58 -7.93 36.06
CA ASN C 54 -9.15 -7.95 35.70
C ASN C 54 -8.92 -7.11 34.45
N HIS C 55 -9.81 -7.21 33.44
CA HIS C 55 -9.68 -6.42 32.21
C HIS C 55 -9.65 -4.94 32.54
N VAL C 56 -10.65 -4.45 33.32
CA VAL C 56 -10.75 -3.04 33.74
C VAL C 56 -9.47 -2.61 34.47
N GLN C 57 -8.97 -3.44 35.42
CA GLN C 57 -7.75 -3.19 36.20
C GLN C 57 -6.52 -2.95 35.31
N VAL C 58 -6.26 -3.89 34.37
CA VAL C 58 -5.13 -3.77 33.43
C VAL C 58 -5.35 -2.61 32.44
N LEU C 59 -6.62 -2.38 32.02
CA LEU C 59 -6.97 -1.30 31.10
C LEU C 59 -6.61 0.07 31.65
N VAL C 60 -6.85 0.30 32.97
CA VAL C 60 -6.51 1.56 33.63
C VAL C 60 -4.97 1.77 33.58
N GLU C 61 -4.19 0.69 33.82
CA GLU C 61 -2.72 0.73 33.77
C GLU C 61 -2.22 1.03 32.36
N PHE C 62 -2.83 0.39 31.34
CA PHE C 62 -2.49 0.61 29.94
C PHE C 62 -2.79 2.07 29.56
N THR C 63 -4.00 2.56 29.92
CA THR C 63 -4.51 3.91 29.69
C THR C 63 -3.58 4.99 30.28
N LYS C 64 -3.09 4.76 31.51
CA LYS C 64 -2.16 5.67 32.21
C LYS C 64 -0.85 5.82 31.45
N LYS C 65 -0.39 4.72 30.82
CA LYS C 65 0.86 4.66 30.06
C LYS C 65 0.77 5.32 28.68
N LEU C 66 -0.46 5.54 28.15
CA LEU C 66 -0.66 6.18 26.83
C LEU C 66 -0.02 7.57 26.82
N PRO C 67 0.88 7.88 25.85
CA PRO C 67 1.55 9.19 25.86
C PRO C 67 0.61 10.38 25.93
N GLY C 68 0.84 11.22 26.93
CA GLY C 68 0.08 12.43 27.19
C GLY C 68 -1.19 12.28 28.01
N PHE C 69 -1.59 11.04 28.36
CA PHE C 69 -2.81 10.81 29.16
C PHE C 69 -2.78 11.45 30.54
N GLN C 70 -1.61 11.47 31.19
CA GLN C 70 -1.43 12.05 32.52
C GLN C 70 -1.56 13.58 32.53
N THR C 71 -1.27 14.25 31.38
CA THR C 71 -1.35 15.71 31.21
C THR C 71 -2.81 16.21 31.10
N LEU C 72 -3.76 15.30 30.81
CA LEU C 72 -5.18 15.62 30.66
C LEU C 72 -5.85 15.95 31.99
N ASP C 73 -6.96 16.73 31.92
CA ASP C 73 -7.80 17.13 33.06
C ASP C 73 -8.36 15.85 33.72
N HIS C 74 -8.38 15.82 35.06
CA HIS C 74 -8.83 14.67 35.86
C HIS C 74 -10.23 14.18 35.54
N GLU C 75 -11.18 15.10 35.30
CA GLU C 75 -12.57 14.76 34.96
C GLU C 75 -12.65 14.07 33.59
N ASP C 76 -11.89 14.57 32.59
CA ASP C 76 -11.82 14.00 31.24
C ASP C 76 -11.24 12.59 31.27
N GLN C 77 -10.20 12.36 32.11
CA GLN C 77 -9.54 11.06 32.30
C GLN C 77 -10.55 9.98 32.69
N ILE C 78 -11.41 10.27 33.69
CA ILE C 78 -12.47 9.40 34.21
C ILE C 78 -13.48 9.09 33.12
N ALA C 79 -13.95 10.14 32.41
CA ALA C 79 -14.92 10.04 31.33
C ALA C 79 -14.38 9.23 30.15
N LEU C 80 -13.05 9.31 29.89
CA LEU C 80 -12.41 8.55 28.81
C LEU C 80 -12.37 7.06 29.15
N LEU C 81 -12.02 6.71 30.39
CA LEU C 81 -11.96 5.32 30.85
C LEU C 81 -13.33 4.68 30.97
N LYS C 82 -14.29 5.41 31.57
CA LYS C 82 -15.67 4.96 31.75
C LYS C 82 -16.37 4.78 30.40
N GLY C 83 -16.12 5.70 29.47
CA GLY C 83 -16.71 5.66 28.14
C GLY C 83 -16.11 4.63 27.18
N SER C 84 -14.92 4.08 27.52
CA SER C 84 -14.23 3.13 26.64
C SER C 84 -14.12 1.69 27.17
N ALA C 85 -14.25 1.50 28.49
CA ALA C 85 -14.11 0.21 29.18
C ALA C 85 -14.82 -0.97 28.51
N VAL C 86 -16.12 -0.82 28.21
CA VAL C 86 -16.95 -1.85 27.57
C VAL C 86 -16.45 -2.18 26.14
N GLU C 87 -16.20 -1.14 25.30
CA GLU C 87 -15.68 -1.28 23.93
C GLU C 87 -14.33 -2.00 23.93
N ALA C 88 -13.42 -1.62 24.85
CA ALA C 88 -12.10 -2.24 24.96
C ALA C 88 -12.20 -3.70 25.39
N MET C 89 -13.21 -4.01 26.23
CA MET C 89 -13.48 -5.37 26.68
C MET C 89 -13.89 -6.25 25.50
N PHE C 90 -14.81 -5.77 24.65
CA PHE C 90 -15.27 -6.49 23.47
C PHE C 90 -14.19 -6.61 22.41
N LEU C 91 -13.31 -5.61 22.28
CA LEU C 91 -12.20 -5.67 21.33
C LEU C 91 -11.20 -6.75 21.78
N ARG C 92 -10.90 -6.81 23.10
CA ARG C 92 -10.00 -7.82 23.67
C ARG C 92 -10.61 -9.23 23.57
N SER C 93 -11.92 -9.36 23.86
CA SER C 93 -12.69 -10.61 23.78
C SER C 93 -12.69 -11.18 22.35
N ALA C 94 -12.66 -10.28 21.35
CA ALA C 94 -12.60 -10.63 19.93
C ALA C 94 -11.21 -11.18 19.61
N GLU C 95 -10.15 -10.53 20.14
CA GLU C 95 -8.76 -10.94 19.95
C GLU C 95 -8.53 -12.35 20.52
N ILE C 96 -9.07 -12.62 21.74
CA ILE C 96 -8.99 -13.89 22.46
C ILE C 96 -9.69 -15.02 21.68
N PHE C 97 -10.95 -14.80 21.25
CA PHE C 97 -11.75 -15.78 20.50
C PHE C 97 -11.12 -16.18 19.16
N ASN C 98 -10.53 -15.20 18.44
CA ASN C 98 -9.92 -15.41 17.13
C ASN C 98 -8.51 -16.01 17.17
N LYS C 99 -7.94 -16.19 18.37
CA LYS C 99 -6.61 -16.79 18.54
C LYS C 99 -6.70 -18.28 18.19
N LYS C 100 -5.91 -18.72 17.19
CA LYS C 100 -5.92 -20.10 16.71
C LYS C 100 -5.57 -21.09 17.80
N LEU C 101 -6.46 -22.08 17.99
CA LEU C 101 -6.37 -23.14 18.99
C LEU C 101 -6.42 -24.51 18.27
N PRO C 102 -6.25 -25.68 18.95
CA PRO C 102 -6.37 -26.96 18.24
C PRO C 102 -7.76 -27.20 17.65
N SER C 103 -7.91 -28.21 16.76
CA SER C 103 -9.17 -28.54 16.09
C SER C 103 -10.38 -28.69 17.02
N GLY C 104 -11.41 -27.89 16.76
CA GLY C 104 -12.66 -27.87 17.51
C GLY C 104 -12.67 -27.17 18.85
N HIS C 105 -11.52 -26.61 19.27
CA HIS C 105 -11.39 -25.89 20.54
C HIS C 105 -12.11 -24.54 20.52
N SER C 106 -11.95 -23.76 19.42
CA SER C 106 -12.62 -22.47 19.24
C SER C 106 -14.15 -22.65 19.17
N ASP C 107 -14.61 -23.76 18.58
CA ASP C 107 -16.02 -24.14 18.46
C ASP C 107 -16.60 -24.53 19.84
N LEU C 108 -15.76 -25.19 20.68
CA LEU C 108 -16.14 -25.58 22.04
C LEU C 108 -16.20 -24.34 22.95
N LEU C 109 -15.27 -23.37 22.75
CA LEU C 109 -15.23 -22.12 23.50
C LEU C 109 -16.50 -21.30 23.22
N GLU C 110 -16.91 -21.25 21.94
CA GLU C 110 -18.11 -20.57 21.46
C GLU C 110 -19.35 -21.19 22.11
N ALA C 111 -19.39 -22.54 22.20
CA ALA C 111 -20.48 -23.32 22.80
C ALA C 111 -20.65 -23.04 24.30
N ARG C 112 -19.53 -22.97 25.05
CA ARG C 112 -19.52 -22.73 26.50
C ARG C 112 -19.99 -21.32 26.85
N ILE C 113 -19.60 -20.32 26.04
CA ILE C 113 -19.99 -18.91 26.21
C ILE C 113 -21.49 -18.74 25.91
N ARG C 114 -21.97 -19.38 24.82
CA ARG C 114 -23.38 -19.36 24.41
C ARG C 114 -24.33 -19.95 25.46
N ASN C 115 -23.84 -20.92 26.27
CA ASN C 115 -24.62 -21.58 27.30
CA ASN C 115 -24.64 -21.55 27.31
C ASN C 115 -24.12 -21.24 28.72
N SER C 116 -23.71 -19.98 28.94
CA SER C 116 -23.20 -19.48 30.23
C SER C 116 -24.28 -18.74 31.06
N GLY C 117 -25.50 -18.63 30.51
CA GLY C 117 -26.63 -17.97 31.16
C GLY C 117 -27.14 -16.74 30.44
N ILE C 118 -26.26 -16.08 29.66
CA ILE C 118 -26.48 -14.88 28.84
C ILE C 118 -27.60 -15.10 27.79
N SER C 119 -28.45 -14.08 27.58
CA SER C 119 -29.57 -14.10 26.62
C SER C 119 -29.06 -14.18 25.18
N ASP C 120 -29.73 -15.01 24.35
CA ASP C 120 -29.38 -15.22 22.93
C ASP C 120 -29.47 -13.95 22.08
N GLU C 121 -30.33 -13.00 22.49
CA GLU C 121 -30.55 -11.69 21.86
C GLU C 121 -29.23 -10.89 21.80
N TYR C 122 -28.34 -11.07 22.79
CA TYR C 122 -27.06 -10.39 22.90
C TYR C 122 -25.86 -11.22 22.40
N ILE C 123 -25.98 -12.57 22.38
CA ILE C 123 -24.94 -13.50 21.94
C ILE C 123 -24.69 -13.42 20.42
N THR C 124 -25.76 -13.58 19.63
CA THR C 124 -25.73 -13.58 18.16
C THR C 124 -24.94 -12.37 17.59
N PRO C 125 -25.23 -11.08 17.95
CA PRO C 125 -24.41 -9.98 17.39
C PRO C 125 -22.96 -9.96 17.92
N MET C 126 -22.73 -10.52 19.11
CA MET C 126 -21.42 -10.60 19.77
C MET C 126 -20.48 -11.54 19.01
N PHE C 127 -20.93 -12.79 18.74
CA PHE C 127 -20.13 -13.76 17.98
C PHE C 127 -20.05 -13.41 16.50
N SER C 128 -21.01 -12.60 16.00
CA SER C 128 -21.02 -12.10 14.63
C SER C 128 -19.88 -11.09 14.51
N PHE C 129 -19.76 -10.18 15.51
CA PHE C 129 -18.69 -9.17 15.60
C PHE C 129 -17.32 -9.84 15.72
N TYR C 130 -17.19 -10.88 16.58
CA TYR C 130 -15.94 -11.61 16.78
C TYR C 130 -15.48 -12.28 15.49
N LYS C 131 -16.43 -12.90 14.75
CA LYS C 131 -16.16 -13.56 13.46
C LYS C 131 -15.86 -12.55 12.35
N SER C 132 -16.50 -11.36 12.39
CA SER C 132 -16.29 -10.27 11.44
C SER C 132 -14.91 -9.64 11.64
N ILE C 133 -14.50 -9.44 12.92
CA ILE C 133 -13.19 -8.90 13.32
C ILE C 133 -12.09 -9.86 12.86
N GLY C 134 -12.34 -11.17 13.01
CA GLY C 134 -11.42 -12.24 12.64
C GLY C 134 -11.03 -12.26 11.18
N GLU C 135 -12.02 -12.08 10.28
CA GLU C 135 -11.78 -12.09 8.83
C GLU C 135 -10.88 -10.93 8.35
N LEU C 136 -10.71 -9.86 9.17
CA LEU C 136 -9.78 -8.76 8.89
C LEU C 136 -8.31 -9.21 9.06
N LYS C 137 -8.10 -10.34 9.78
CA LYS C 137 -6.79 -10.96 10.07
C LYS C 137 -5.83 -9.94 10.70
N MET C 138 -6.31 -9.29 11.78
CA MET C 138 -5.58 -8.27 12.52
C MET C 138 -4.37 -8.82 13.26
N THR C 139 -3.29 -8.03 13.27
CA THR C 139 -2.06 -8.36 13.99
C THR C 139 -2.22 -7.80 15.41
N GLN C 140 -1.40 -8.28 16.36
CA GLN C 140 -1.42 -7.81 17.76
C GLN C 140 -1.20 -6.29 17.86
N GLU C 141 -0.37 -5.71 16.93
CA GLU C 141 -0.05 -4.29 16.87
CA GLU C 141 -0.07 -4.29 16.88
C GLU C 141 -1.32 -3.48 16.53
N GLU C 142 -2.15 -4.01 15.63
CA GLU C 142 -3.40 -3.39 15.21
C GLU C 142 -4.40 -3.41 16.36
N TYR C 143 -4.47 -4.54 17.10
CA TYR C 143 -5.35 -4.68 18.27
C TYR C 143 -4.94 -3.69 19.36
N ALA C 144 -3.63 -3.55 19.62
CA ALA C 144 -3.07 -2.63 20.62
C ALA C 144 -3.32 -1.19 20.27
N LEU C 145 -3.06 -0.79 19.01
CA LEU C 145 -3.26 0.58 18.56
C LEU C 145 -4.73 0.94 18.51
N LEU C 146 -5.59 0.01 18.03
CA LEU C 146 -7.04 0.22 17.97
C LEU C 146 -7.61 0.42 19.37
N THR C 147 -7.07 -0.30 20.39
CA THR C 147 -7.47 -0.14 21.79
C THR C 147 -7.13 1.27 22.28
N ALA C 148 -5.90 1.77 21.97
CA ALA C 148 -5.44 3.11 22.35
C ALA C 148 -6.33 4.19 21.72
N ILE C 149 -6.74 3.99 20.46
CA ILE C 149 -7.60 4.90 19.68
C ILE C 149 -9.00 4.93 20.31
N VAL C 150 -9.53 3.75 20.71
CA VAL C 150 -10.82 3.59 21.39
C VAL C 150 -10.83 4.41 22.68
N ILE C 151 -9.77 4.25 23.52
CA ILE C 151 -9.63 4.95 24.79
C ILE C 151 -9.54 6.47 24.58
N LEU C 152 -8.73 6.89 23.60
CA LEU C 152 -8.52 8.30 23.31
C LEU C 152 -9.48 8.86 22.26
N SER C 153 -10.77 8.51 22.39
CA SER C 153 -11.81 9.01 21.49
C SER C 153 -12.29 10.36 22.02
N PRO C 154 -12.01 11.46 21.28
CA PRO C 154 -12.44 12.80 21.77
C PRO C 154 -13.96 12.99 21.76
N ASP C 155 -14.66 12.33 20.81
CA ASP C 155 -16.12 12.36 20.63
C ASP C 155 -16.84 11.50 21.70
N ARG C 156 -16.40 11.62 22.95
CA ARG C 156 -16.94 10.89 24.08
C ARG C 156 -17.75 11.81 25.01
N GLN C 157 -18.73 11.23 25.74
CA GLN C 157 -19.62 11.94 26.65
C GLN C 157 -18.90 12.62 27.81
N TYR C 158 -19.38 13.83 28.17
CA TYR C 158 -18.92 14.68 29.29
C TYR C 158 -17.45 15.16 29.20
N ILE C 159 -16.81 15.08 28.00
CA ILE C 159 -15.45 15.57 27.82
C ILE C 159 -15.47 17.10 27.68
N LYS C 160 -14.69 17.78 28.53
CA LYS C 160 -14.59 19.24 28.56
C LYS C 160 -13.70 19.74 27.41
N ASP C 161 -12.45 19.21 27.31
CA ASP C 161 -11.49 19.59 26.28
C ASP C 161 -11.31 18.45 25.26
N ARG C 162 -12.07 18.52 24.16
CA ARG C 162 -12.03 17.53 23.06
C ARG C 162 -10.72 17.60 22.29
N GLU C 163 -10.25 18.83 22.00
CA GLU C 163 -9.04 19.13 21.24
C GLU C 163 -7.76 18.54 21.85
N ALA C 164 -7.68 18.50 23.20
CA ALA C 164 -6.54 17.93 23.92
C ALA C 164 -6.49 16.40 23.70
N VAL C 165 -7.68 15.76 23.63
CA VAL C 165 -7.83 14.32 23.37
C VAL C 165 -7.47 14.04 21.90
N GLU C 166 -7.91 14.92 20.98
CA GLU C 166 -7.65 14.84 19.53
C GLU C 166 -6.15 14.76 19.27
N LYS C 167 -5.36 15.62 19.94
CA LYS C 167 -3.89 15.71 19.83
C LYS C 167 -3.18 14.43 20.28
N LEU C 168 -3.79 13.66 21.19
CA LEU C 168 -3.19 12.41 21.68
C LEU C 168 -3.56 11.22 20.81
N GLN C 169 -4.77 11.22 20.25
CA GLN C 169 -5.28 10.15 19.39
C GLN C 169 -4.63 10.20 18.00
N GLU C 170 -4.43 11.42 17.45
CA GLU C 170 -3.88 11.69 16.12
C GLU C 170 -2.58 10.92 15.80
N PRO C 171 -1.49 10.92 16.63
CA PRO C 171 -0.29 10.15 16.26
C PRO C 171 -0.54 8.65 16.19
N LEU C 172 -1.47 8.13 17.04
CA LEU C 172 -1.82 6.71 17.06
C LEU C 172 -2.58 6.29 15.81
N LEU C 173 -3.45 7.18 15.30
CA LEU C 173 -4.20 6.94 14.06
C LEU C 173 -3.23 6.92 12.88
N ASP C 174 -2.25 7.85 12.87
CA ASP C 174 -1.20 7.96 11.86
C ASP C 174 -0.35 6.69 11.81
N VAL C 175 0.05 6.15 12.99
CA VAL C 175 0.82 4.92 13.10
C VAL C 175 0.01 3.74 12.53
N LEU C 176 -1.27 3.60 12.95
CA LEU C 176 -2.16 2.53 12.47
C LEU C 176 -2.36 2.60 10.96
N GLN C 177 -2.58 3.82 10.40
CA GLN C 177 -2.77 4.04 8.97
C GLN C 177 -1.55 3.55 8.19
N LYS C 178 -0.33 3.85 8.69
CA LYS C 178 0.93 3.43 8.07
C LYS C 178 1.05 1.90 8.09
N LEU C 179 0.76 1.27 9.25
CA LEU C 179 0.81 -0.19 9.40
C LEU C 179 -0.11 -0.93 8.44
N CYS C 180 -1.35 -0.40 8.21
CA CYS C 180 -2.34 -0.97 7.29
C CYS C 180 -1.82 -0.97 5.86
N LYS C 181 -1.13 0.12 5.45
CA LYS C 181 -0.53 0.28 4.13
C LYS C 181 0.71 -0.63 3.95
N ILE C 182 1.32 -1.08 5.07
CA ILE C 182 2.49 -1.94 5.10
C ILE C 182 2.08 -3.43 5.11
N HIS C 183 1.33 -3.87 6.13
CA HIS C 183 0.90 -5.26 6.29
C HIS C 183 -0.10 -5.72 5.23
N GLN C 184 -0.98 -4.81 4.78
CA GLN C 184 -2.00 -5.13 3.77
C GLN C 184 -2.03 -4.09 2.60
N PRO C 185 -0.99 -4.05 1.73
CA PRO C 185 -1.02 -3.08 0.61
C PRO C 185 -2.02 -3.46 -0.49
N GLU C 186 -2.43 -4.75 -0.50
CA GLU C 186 -3.40 -5.34 -1.42
C GLU C 186 -4.82 -4.77 -1.19
N ASN C 187 -5.15 -4.41 0.06
CA ASN C 187 -6.43 -3.86 0.46
C ASN C 187 -6.31 -2.40 0.96
N PRO C 188 -6.51 -1.39 0.07
CA PRO C 188 -6.41 0.01 0.53
C PRO C 188 -7.56 0.48 1.43
N GLN C 189 -8.59 -0.36 1.61
CA GLN C 189 -9.75 -0.10 2.45
C GLN C 189 -9.61 -0.68 3.86
N HIS C 190 -8.50 -1.40 4.14
CA HIS C 190 -8.21 -2.05 5.43
C HIS C 190 -8.26 -1.11 6.62
N PHE C 191 -7.69 0.10 6.50
CA PHE C 191 -7.69 1.10 7.58
C PHE C 191 -9.11 1.56 7.87
N ALA C 192 -9.91 1.83 6.81
CA ALA C 192 -11.32 2.23 6.88
C ALA C 192 -12.17 1.17 7.60
N CYS C 193 -11.92 -0.13 7.32
CA CYS C 193 -12.57 -1.27 7.98
C CYS C 193 -12.35 -1.27 9.48
N LEU C 194 -11.11 -0.98 9.92
CA LEU C 194 -10.72 -0.92 11.33
C LEU C 194 -11.46 0.20 12.04
N LEU C 195 -11.46 1.40 11.44
CA LEU C 195 -12.16 2.56 11.99
C LEU C 195 -13.66 2.33 12.05
N GLY C 196 -14.20 1.63 11.05
CA GLY C 196 -15.61 1.28 10.96
C GLY C 196 -16.03 0.32 12.05
N ARG C 197 -15.10 -0.56 12.47
CA ARG C 197 -15.30 -1.53 13.55
C ARG C 197 -15.43 -0.84 14.91
N LEU C 198 -14.98 0.42 15.03
CA LEU C 198 -15.09 1.22 16.24
C LEU C 198 -16.51 1.71 16.46
N THR C 199 -17.24 2.00 15.36
CA THR C 199 -18.64 2.42 15.40
C THR C 199 -19.48 1.21 15.80
N GLU C 200 -19.14 0.01 15.28
CA GLU C 200 -19.79 -1.26 15.59
C GLU C 200 -19.59 -1.59 17.07
N LEU C 201 -18.40 -1.27 17.62
CA LEU C 201 -18.05 -1.48 19.04
C LEU C 201 -18.95 -0.67 19.95
N ARG C 202 -19.27 0.58 19.55
CA ARG C 202 -20.14 1.50 20.30
C ARG C 202 -21.55 0.94 20.49
N THR C 203 -22.07 0.15 19.51
CA THR C 203 -23.40 -0.46 19.59
C THR C 203 -23.44 -1.51 20.70
N PHE C 204 -22.30 -2.21 20.94
CA PHE C 204 -22.16 -3.22 22.00
C PHE C 204 -22.17 -2.59 23.37
N ASN C 205 -21.60 -1.38 23.47
CA ASN C 205 -21.56 -0.58 24.70
C ASN C 205 -23.00 -0.18 25.07
N HIS C 206 -23.83 0.17 24.06
CA HIS C 206 -25.23 0.58 24.25
C HIS C 206 -26.13 -0.59 24.63
N HIS C 207 -25.80 -1.82 24.20
CA HIS C 207 -26.54 -3.03 24.55
C HIS C 207 -25.77 -3.77 25.66
N HIS C 208 -25.34 -3.06 26.73
CA HIS C 208 -24.57 -3.73 27.77
C HIS C 208 -25.30 -3.84 29.13
N ALA C 209 -25.67 -2.71 29.78
CA ALA C 209 -26.34 -2.69 31.09
C ALA C 209 -27.61 -3.56 31.18
N GLU C 210 -28.30 -3.72 30.04
CA GLU C 210 -29.53 -4.49 29.88
C GLU C 210 -29.24 -5.99 29.87
N MET C 211 -28.15 -6.41 29.18
CA MET C 211 -27.71 -7.79 29.04
C MET C 211 -27.36 -8.43 30.39
N LEU C 212 -26.62 -7.70 31.25
CA LEU C 212 -26.16 -8.13 32.58
C LEU C 212 -27.32 -8.60 33.48
N MET C 213 -28.44 -7.84 33.48
CA MET C 213 -29.64 -8.14 34.28
C MET C 213 -30.50 -9.27 33.69
N SER C 214 -30.39 -9.52 32.37
CA SER C 214 -31.16 -10.56 31.66
C SER C 214 -30.53 -11.98 31.76
N TRP C 215 -29.39 -12.11 32.46
CA TRP C 215 -28.66 -13.36 32.68
C TRP C 215 -29.51 -14.35 33.47
N ARG C 216 -29.36 -15.67 33.18
CA ARG C 216 -30.12 -16.71 33.87
C ARG C 216 -29.44 -17.19 35.16
N VAL C 217 -29.49 -16.33 36.18
CA VAL C 217 -28.96 -16.54 37.53
C VAL C 217 -29.91 -15.88 38.54
N ASN C 218 -30.12 -16.55 39.70
CA ASN C 218 -31.00 -16.07 40.78
C ASN C 218 -30.52 -14.75 41.38
N ASP C 219 -29.19 -14.59 41.53
CA ASP C 219 -28.56 -13.38 42.07
C ASP C 219 -27.47 -12.86 41.14
N HIS C 220 -27.50 -11.55 40.86
CA HIS C 220 -26.53 -10.89 39.99
C HIS C 220 -25.51 -10.11 40.82
N LYS C 221 -24.40 -10.78 41.17
CA LYS C 221 -23.31 -10.20 41.96
C LYS C 221 -22.17 -9.69 41.09
N PHE C 222 -21.75 -8.44 41.32
CA PHE C 222 -20.65 -7.78 40.62
C PHE C 222 -19.66 -7.24 41.64
N THR C 223 -18.40 -7.04 41.22
CA THR C 223 -17.35 -6.46 42.06
C THR C 223 -17.60 -4.94 42.17
N PRO C 224 -17.17 -4.25 43.25
CA PRO C 224 -17.41 -2.79 43.34
C PRO C 224 -16.83 -1.98 42.18
N LEU C 225 -15.69 -2.42 41.61
CA LEU C 225 -15.06 -1.76 40.47
C LEU C 225 -15.93 -1.84 39.21
N LEU C 226 -16.56 -3.02 38.97
CA LEU C 226 -17.48 -3.21 37.85
C LEU C 226 -18.72 -2.35 38.02
N CYS C 227 -19.24 -2.24 39.26
CA CYS C 227 -20.40 -1.40 39.60
C CYS C 227 -20.13 0.07 39.25
N GLU C 228 -18.90 0.54 39.48
CA GLU C 228 -18.47 1.90 39.18
C GLU C 228 -18.31 2.17 37.69
N ILE C 229 -17.69 1.23 36.96
CA ILE C 229 -17.39 1.34 35.54
C ILE C 229 -18.63 1.08 34.65
N TRP C 230 -19.44 0.06 34.99
CA TRP C 230 -20.63 -0.34 34.23
C TRP C 230 -21.95 0.31 34.68
N ASP C 231 -21.93 1.08 35.80
CA ASP C 231 -23.10 1.75 36.39
C ASP C 231 -24.23 0.74 36.69
N VAL C 232 -23.88 -0.35 37.42
CA VAL C 232 -24.78 -1.43 37.82
C VAL C 232 -24.85 -1.48 39.36
N GLN C 233 -25.94 -2.10 39.91
CA GLN C 233 -26.23 -2.24 41.34
C GLN C 233 -26.28 -0.92 42.09
N ASP D 2 -19.48 9.18 43.74
CA ASP D 2 -18.14 9.44 43.22
C ASP D 2 -17.46 8.16 42.75
N HIS D 3 -16.66 8.26 41.67
CA HIS D 3 -15.90 7.14 41.09
C HIS D 3 -14.56 7.02 41.84
N GLN D 4 -14.61 6.66 43.14
CA GLN D 4 -13.42 6.57 44.00
C GLN D 4 -12.47 5.42 43.64
N LEU D 5 -12.98 4.27 43.16
CA LEU D 5 -12.13 3.15 42.75
C LEU D 5 -11.36 3.47 41.47
N LEU D 6 -12.02 4.12 40.50
CA LEU D 6 -11.42 4.53 39.24
C LEU D 6 -10.38 5.64 39.46
N ARG D 7 -10.68 6.60 40.38
CA ARG D 7 -9.79 7.70 40.75
C ARG D 7 -8.52 7.18 41.42
N TYR D 8 -8.67 6.16 42.30
CA TYR D 8 -7.56 5.51 43.00
C TYR D 8 -6.64 4.80 42.02
N LEU D 9 -7.20 4.03 41.07
CA LEU D 9 -6.45 3.31 40.04
C LEU D 9 -5.69 4.27 39.12
N LEU D 10 -6.23 5.48 38.92
CA LEU D 10 -5.65 6.53 38.10
C LEU D 10 -4.49 7.25 38.82
N ASP D 11 -4.61 7.48 40.14
CA ASP D 11 -3.57 8.14 40.92
C ASP D 11 -2.42 7.17 41.22
N LYS D 12 -2.54 6.31 42.26
CA LYS D 12 -1.57 5.30 42.70
C LYS D 12 -0.15 5.87 42.93
N3 9M1 E . 9.06 1.37 -15.34
C4 9M1 E . 11.79 1.42 -13.75
C6 9M1 E . 9.80 0.39 -16.04
C7 9M1 E . 10.58 2.42 -13.58
C8 9M1 E . 7.65 1.25 -15.06
C10 9M1 E . 13.78 0.21 -13.45
C13 9M1 E . 6.86 0.06 -15.48
C15 9M1 E . 4.88 -0.84 -16.45
C17 9M1 E . 5.35 -2.11 -16.25
C20 9M1 E . 6.58 -2.33 -15.66
C24 9M1 E . 9.71 1.99 -12.40
C26 9M1 E . 13.40 1.78 -11.65
C28 9M1 E . 11.43 -1.55 -19.41
C31 9M1 E . 10.39 -1.52 -20.45
O22 9M1 E . 10.94 -0.71 -18.22
C11 9M1 E . 11.65 -0.77 -17.07
O18 9M1 E . 12.56 -1.53 -16.90
C2 9M1 E . 11.15 0.21 -16.06
C12 9M1 E . 9.76 2.59 -14.87
C25 9M1 E . 11.10 3.83 -13.26
C1 9M1 E . 11.99 0.45 -14.89
N5 9M1 E . 13.21 -0.24 -14.64
C27 9M1 E . 14.97 -0.20 -12.84
C30 9M1 E . 15.36 0.38 -11.65
C29 9M1 E . 14.58 1.37 -11.06
C9 9M1 E . 12.98 1.22 -12.86
O16 9M1 E . 7.09 2.13 -14.45
C19 9M1 E . 7.33 -1.24 -15.27
F23 9M1 E . 4.60 -3.17 -16.64
F21 9M1 E . 3.68 -0.67 -17.04
C14 9M1 E . 5.62 0.26 -16.08
N3 9M1 F . -16.91 -11.58 26.72
C4 9M1 F . -18.66 -10.59 29.21
C6 9M1 F . -15.90 -11.38 27.75
C7 9M1 F . -19.16 -10.80 27.73
C8 9M1 F . -16.85 -12.66 25.76
C10 9M1 F . -18.55 -10.27 31.53
C13 9M1 F . -15.71 -13.65 25.77
C15 9M1 F . -13.91 -14.73 24.63
C17 9M1 F . -13.61 -15.46 25.76
C20 9M1 F . -14.35 -15.29 26.92
C24 9M1 F . -19.84 -12.17 27.59
C26 9M1 F . -20.83 -10.41 30.74
C28 9M1 F . -12.37 -9.83 29.05
C31 9M1 F . -11.52 -9.68 27.87
O22 9M1 F . -13.79 -9.86 28.59
C11 9M1 F . -14.74 -10.17 29.50
O18 9M1 F . -14.56 -10.10 30.68
C2 9M1 F . -16.02 -10.61 28.86
C12 9M1 F . -18.06 -10.64 26.65
C25 9M1 F . -20.19 -9.74 27.37
C1 9M1 F . -17.22 -10.50 29.67
N5 9M1 F . -17.23 -10.31 31.07
C27 9M1 F . -19.00 -10.09 32.84
C30 9M1 F . -20.37 -10.07 33.09
C29 9M1 F . -21.28 -10.24 32.05
C9 9M1 F . -19.47 -10.43 30.47
O16 9M1 F . -17.73 -12.77 24.93
C19 9M1 F . -15.40 -14.39 26.92
F23 9M1 F . -12.59 -16.33 25.73
F21 9M1 F . -13.18 -14.92 23.52
C14 9M1 F . -14.95 -13.83 24.61
#